data_8HMX
#
_entry.id   8HMX
#
_cell.length_a   113.187
_cell.length_b   46.857
_cell.length_c   65.297
_cell.angle_alpha   90.00
_cell.angle_beta   112.58
_cell.angle_gamma   90.00
#
_symmetry.space_group_name_H-M   'C 1 2 1'
#
loop_
_entity.id
_entity.type
_entity.pdbx_description
1 polymer 'WD repeat-containing protein 5'
2 polymer 'histone H3Q5his peptide'
3 water water
#
loop_
_entity_poly.entity_id
_entity_poly.type
_entity_poly.pdbx_seq_one_letter_code
_entity_poly.pdbx_strand_id
1 'polypeptide(L)'
;VKPNYALKFTLAGHTKAVSSVKFSPNGEWLASSSADKLIKIWGAYDGKFEKTISGHKLGISDVAWSSDSNLLVSASDDKT
LKIWDVSSGKCLKTLKGHSNYVFCCNFNPQSNLIVSGSFDESVRIWDVKTGKCLKTLPAHSDPVSAVHFNRDGSLIVSSS
YDGLCRIWDTASGQCLKTLIDDDNPPVSFVKFSPNGKYILAATLDNTLKLWDYSKGKCLKTYTGHKNEKYCIFANFSVTG
GKWIVSGSEDNLVYIWNLQTKEIVQKLQGHTDVVISTACHPTENIIASAALENDKTIKLWKSDC
;
A
2 'polypeptide(L)' ARTKQ B
#
# COMPACT_ATOMS: atom_id res chain seq x y z
N VAL A 1 -11.52 21.27 -12.96
CA VAL A 1 -10.47 20.64 -13.74
C VAL A 1 -10.47 19.12 -13.51
N LYS A 2 -10.39 18.36 -14.60
CA LYS A 2 -10.26 16.91 -14.53
C LYS A 2 -8.92 16.50 -15.15
N PRO A 3 -8.33 15.40 -14.69
CA PRO A 3 -7.12 14.89 -15.34
C PRO A 3 -7.49 14.14 -16.61
N ASN A 4 -6.48 13.77 -17.39
CA ASN A 4 -6.73 13.02 -18.61
C ASN A 4 -5.76 11.86 -18.74
N TYR A 5 -5.62 11.10 -17.65
CA TYR A 5 -4.79 9.90 -17.66
C TYR A 5 -5.13 8.98 -18.83
N ALA A 6 -4.10 8.57 -19.56
CA ALA A 6 -4.24 7.65 -20.67
C ALA A 6 -3.16 6.58 -20.60
N LEU A 7 -3.51 5.38 -21.06
CA LEU A 7 -2.62 4.23 -21.00
C LEU A 7 -1.39 4.42 -21.87
N LYS A 8 -0.21 4.28 -21.28
CA LYS A 8 1.04 4.40 -22.03
C LYS A 8 1.81 3.09 -22.14
N PHE A 9 1.79 2.23 -21.12
CA PHE A 9 2.55 0.99 -21.18
C PHE A 9 1.81 -0.08 -20.41
N THR A 10 1.99 -1.32 -20.84
CA THR A 10 1.52 -2.50 -20.11
C THR A 10 2.72 -3.40 -19.81
N LEU A 11 2.85 -3.79 -18.54
CA LEU A 11 4.04 -4.48 -18.03
C LEU A 11 3.65 -5.90 -17.70
N ALA A 12 4.09 -6.85 -18.52
CA ALA A 12 3.78 -8.26 -18.32
C ALA A 12 4.99 -9.01 -17.82
N GLY A 13 4.75 -10.06 -17.04
CA GLY A 13 5.83 -10.91 -16.60
C GLY A 13 5.48 -11.71 -15.38
N HIS A 14 4.67 -11.16 -14.48
CA HIS A 14 4.23 -11.94 -13.33
C HIS A 14 3.34 -13.10 -13.78
N THR A 15 3.46 -14.24 -13.09
CA THR A 15 2.73 -15.42 -13.50
C THR A 15 1.53 -15.73 -12.61
N LYS A 16 1.35 -14.96 -11.54
CA LYS A 16 0.12 -14.96 -10.77
C LYS A 16 -0.28 -13.52 -10.55
N ALA A 17 -1.42 -13.34 -9.86
CA ALA A 17 -1.93 -12.01 -9.55
C ALA A 17 -0.85 -11.10 -8.95
N VAL A 18 -0.85 -9.85 -9.38
CA VAL A 18 0.01 -8.84 -8.77
C VAL A 18 -0.67 -8.39 -7.49
N SER A 19 0.12 -8.13 -6.46
CA SER A 19 -0.43 -7.73 -5.16
C SER A 19 -0.17 -6.28 -4.81
N SER A 20 0.94 -5.70 -5.26
CA SER A 20 1.20 -4.30 -4.94
C SER A 20 2.20 -3.73 -5.93
N VAL A 21 2.08 -2.42 -6.17
CA VAL A 21 3.05 -1.68 -6.97
C VAL A 21 3.40 -0.42 -6.20
N LYS A 22 4.67 -0.01 -6.27
CA LYS A 22 5.15 1.19 -5.60
C LYS A 22 6.26 1.85 -6.41
N PHE A 23 6.18 3.18 -6.56
CA PHE A 23 7.28 3.92 -7.21
C PHE A 23 8.38 4.23 -6.20
N SER A 24 9.64 4.12 -6.66
CA SER A 24 10.75 4.51 -5.81
C SER A 24 10.69 6.01 -5.52
N PRO A 25 11.14 6.45 -4.34
CA PRO A 25 11.12 7.89 -4.03
C PRO A 25 11.89 8.75 -5.02
N ASN A 26 12.96 8.24 -5.63
CA ASN A 26 13.69 9.05 -6.58
C ASN A 26 13.04 9.04 -7.96
N GLY A 27 11.87 8.40 -8.08
CA GLY A 27 11.07 8.38 -9.29
C GLY A 27 11.53 7.46 -10.39
N GLU A 28 12.67 6.80 -10.24
CA GLU A 28 13.25 6.12 -11.39
C GLU A 28 12.62 4.75 -11.63
N TRP A 29 12.09 4.12 -10.58
CA TRP A 29 11.71 2.71 -10.64
C TRP A 29 10.27 2.50 -10.19
N LEU A 30 9.68 1.40 -10.70
CA LEU A 30 8.48 0.84 -10.13
C LEU A 30 8.81 -0.56 -9.64
N ALA A 31 8.42 -0.88 -8.40
CA ALA A 31 8.55 -2.24 -7.89
C ALA A 31 7.17 -2.88 -7.82
N SER A 32 7.09 -4.15 -8.19
CA SER A 32 5.84 -4.89 -8.10
C SER A 32 6.08 -6.19 -7.34
N SER A 33 5.04 -6.62 -6.62
CA SER A 33 5.08 -7.89 -5.89
C SER A 33 3.90 -8.74 -6.36
N SER A 34 4.00 -10.05 -6.16
CA SER A 34 2.97 -10.91 -6.73
C SER A 34 2.81 -12.18 -5.90
N ALA A 35 1.63 -12.79 -6.04
CA ALA A 35 1.42 -14.13 -5.51
C ALA A 35 2.38 -15.16 -6.09
N ASP A 36 3.10 -14.84 -7.17
CA ASP A 36 4.10 -15.75 -7.74
C ASP A 36 5.41 -15.76 -6.98
N LYS A 37 5.47 -15.16 -5.79
CA LYS A 37 6.62 -15.14 -4.89
C LYS A 37 7.73 -14.20 -5.35
N LEU A 38 7.51 -13.41 -6.39
CA LEU A 38 8.57 -12.62 -7.01
C LEU A 38 8.33 -11.14 -6.80
N ILE A 39 9.44 -10.39 -6.77
CA ILE A 39 9.44 -8.94 -6.90
C ILE A 39 10.04 -8.61 -8.26
N LYS A 40 9.43 -7.69 -8.98
CA LYS A 40 10.02 -7.24 -10.24
C LYS A 40 10.22 -5.74 -10.21
N ILE A 41 11.32 -5.29 -10.82
CA ILE A 41 11.68 -3.88 -10.90
C ILE A 41 11.55 -3.46 -12.36
N TRP A 42 10.94 -2.30 -12.57
CA TRP A 42 10.64 -1.78 -13.90
C TRP A 42 11.00 -0.31 -13.98
N GLY A 43 11.27 0.17 -15.19
CA GLY A 43 11.52 1.59 -15.36
C GLY A 43 10.22 2.37 -15.22
N ALA A 44 10.24 3.43 -14.40
CA ALA A 44 9.01 4.15 -14.08
C ALA A 44 8.42 4.90 -15.27
N TYR A 45 9.27 5.29 -16.23
CA TYR A 45 8.81 6.17 -17.29
C TYR A 45 8.56 5.45 -18.60
N ASP A 46 9.21 4.30 -18.80
CA ASP A 46 9.06 3.56 -20.05
C ASP A 46 8.62 2.12 -19.84
N GLY A 47 8.42 1.71 -18.58
CA GLY A 47 8.01 0.35 -18.25
C GLY A 47 9.04 -0.71 -18.55
N LYS A 48 10.29 -0.32 -18.79
CA LYS A 48 11.31 -1.29 -19.16
C LYS A 48 11.58 -2.28 -18.04
N PHE A 49 11.47 -3.57 -18.32
CA PHE A 49 11.78 -4.55 -17.29
C PHE A 49 13.25 -4.48 -16.91
N GLU A 50 13.53 -4.43 -15.60
CA GLU A 50 14.90 -4.33 -15.10
C GLU A 50 15.40 -5.63 -14.49
N LYS A 51 14.73 -6.17 -13.46
CA LYS A 51 15.21 -7.40 -12.83
C LYS A 51 14.12 -8.04 -12.01
N THR A 52 14.30 -9.33 -11.73
CA THR A 52 13.48 -10.10 -10.83
C THR A 52 14.25 -10.37 -9.56
N ILE A 53 13.56 -10.21 -8.42
CA ILE A 53 14.12 -10.42 -7.09
C ILE A 53 13.37 -11.59 -6.47
N SER A 54 14.08 -12.64 -6.08
CA SER A 54 13.45 -13.87 -5.61
C SER A 54 14.07 -14.33 -4.29
N GLY A 55 13.29 -15.12 -3.55
CA GLY A 55 13.73 -15.64 -2.27
C GLY A 55 12.62 -16.08 -1.33
N HIS A 56 11.47 -15.40 -1.40
CA HIS A 56 10.35 -15.81 -0.56
C HIS A 56 9.83 -17.18 -0.99
N LYS A 57 9.33 -17.93 -0.01
CA LYS A 57 8.85 -19.28 -0.29
C LYS A 57 7.38 -19.34 -0.65
N LEU A 58 6.62 -18.28 -0.39
CA LEU A 58 5.21 -18.21 -0.74
C LEU A 58 4.94 -16.81 -1.27
N GLY A 59 3.67 -16.55 -1.61
CA GLY A 59 3.32 -15.30 -2.26
C GLY A 59 3.58 -14.09 -1.40
N ILE A 60 3.70 -12.94 -2.06
CA ILE A 60 4.03 -11.67 -1.42
C ILE A 60 2.81 -10.76 -1.49
N SER A 61 2.46 -10.12 -0.38
CA SER A 61 1.31 -9.21 -0.35
C SER A 61 1.67 -7.74 -0.48
N ASP A 62 2.91 -7.36 -0.19
CA ASP A 62 3.25 -5.94 -0.13
C ASP A 62 4.76 -5.77 -0.31
N VAL A 63 5.14 -4.63 -0.87
CA VAL A 63 6.54 -4.24 -0.98
C VAL A 63 6.62 -2.73 -0.73
N ALA A 64 7.76 -2.29 -0.18
CA ALA A 64 7.92 -0.87 0.12
C ALA A 64 9.39 -0.47 -0.05
N TRP A 65 9.60 0.78 -0.48
CA TRP A 65 10.94 1.33 -0.68
C TRP A 65 11.43 2.08 0.55
N SER A 66 12.75 2.06 0.74
CA SER A 66 13.38 2.96 1.69
C SER A 66 13.47 4.37 1.12
N SER A 67 13.73 5.35 2.01
CA SER A 67 13.74 6.76 1.64
C SER A 67 14.76 7.08 0.56
N ASP A 68 15.89 6.37 0.53
CA ASP A 68 16.96 6.66 -0.41
C ASP A 68 16.88 5.84 -1.69
N SER A 69 15.79 5.08 -1.87
CA SER A 69 15.51 4.23 -3.02
C SER A 69 16.47 3.06 -3.16
N ASN A 70 17.25 2.74 -2.12
CA ASN A 70 18.25 1.69 -2.24
C ASN A 70 17.79 0.34 -1.71
N LEU A 71 16.79 0.32 -0.83
CA LEU A 71 16.32 -0.92 -0.24
C LEU A 71 14.84 -1.11 -0.52
N LEU A 72 14.43 -2.38 -0.53
CA LEU A 72 13.02 -2.75 -0.54
C LEU A 72 12.76 -3.65 0.67
N VAL A 73 11.54 -3.61 1.19
CA VAL A 73 11.11 -4.65 2.12
C VAL A 73 9.85 -5.28 1.55
N SER A 74 9.71 -6.60 1.75
CA SER A 74 8.55 -7.32 1.24
C SER A 74 7.91 -8.10 2.37
N ALA A 75 6.59 -8.33 2.26
CA ALA A 75 5.81 -9.04 3.27
C ALA A 75 5.16 -10.26 2.62
N SER A 76 5.36 -11.43 3.21
CA SER A 76 5.02 -12.68 2.53
C SER A 76 4.15 -13.58 3.39
N ASP A 77 3.40 -14.46 2.69
CA ASP A 77 2.68 -15.54 3.34
C ASP A 77 3.62 -16.56 4.00
N ASP A 78 4.93 -16.54 3.71
CA ASP A 78 5.86 -17.45 4.38
C ASP A 78 6.18 -16.99 5.80
N LYS A 79 5.43 -16.01 6.30
CA LYS A 79 5.44 -15.47 7.65
C LYS A 79 6.65 -14.59 7.92
N THR A 80 7.42 -14.21 6.91
CA THR A 80 8.58 -13.36 7.09
C THR A 80 8.42 -12.09 6.26
N LEU A 81 9.23 -11.10 6.62
CA LEU A 81 9.58 -10.01 5.71
C LEU A 81 11.04 -10.16 5.29
N LYS A 82 11.37 -9.65 4.11
CA LYS A 82 12.75 -9.65 3.68
C LYS A 82 13.15 -8.24 3.30
N ILE A 83 14.37 -7.84 3.67
CA ILE A 83 14.96 -6.58 3.24
C ILE A 83 15.89 -6.88 2.09
N TRP A 84 15.76 -6.13 1.00
CA TRP A 84 16.51 -6.40 -0.23
C TRP A 84 17.36 -5.20 -0.60
N ASP A 85 18.56 -5.47 -1.10
CA ASP A 85 19.37 -4.45 -1.76
C ASP A 85 18.96 -4.44 -3.22
N VAL A 86 18.35 -3.34 -3.66
CA VAL A 86 17.76 -3.33 -5.00
C VAL A 86 18.83 -3.48 -6.07
N SER A 87 20.00 -2.88 -5.84
CA SER A 87 21.07 -2.90 -6.85
C SER A 87 21.58 -4.32 -7.08
N SER A 88 21.86 -5.05 -6.00
CA SER A 88 22.37 -6.40 -6.09
C SER A 88 21.29 -7.46 -6.19
N GLY A 89 20.06 -7.12 -5.81
CA GLY A 89 19.01 -8.11 -5.72
C GLY A 89 19.16 -9.08 -4.57
N LYS A 90 20.11 -8.86 -3.67
CA LYS A 90 20.38 -9.79 -2.58
C LYS A 90 19.45 -9.54 -1.40
N CYS A 91 19.08 -10.63 -0.73
CA CYS A 91 18.39 -10.54 0.55
C CYS A 91 19.39 -10.17 1.64
N LEU A 92 19.20 -9.00 2.25
CA LEU A 92 20.10 -8.57 3.33
C LEU A 92 19.70 -9.17 4.67
N LYS A 93 18.41 -9.16 4.98
CA LYS A 93 17.90 -9.71 6.23
C LYS A 93 16.56 -10.37 5.99
N THR A 94 16.26 -11.39 6.81
CA THR A 94 14.94 -11.98 6.88
C THR A 94 14.40 -11.72 8.28
N LEU A 95 13.22 -11.11 8.35
CA LEU A 95 12.63 -10.68 9.61
C LEU A 95 11.62 -11.74 10.03
N LYS A 96 11.96 -12.48 11.08
CA LYS A 96 11.18 -13.63 11.54
C LYS A 96 10.55 -13.30 12.87
N GLY A 97 9.30 -13.67 13.04
CA GLY A 97 8.61 -13.45 14.30
C GLY A 97 7.10 -13.53 14.21
N HIS A 98 6.53 -13.08 13.09
CA HIS A 98 5.09 -13.21 12.95
C HIS A 98 4.72 -14.69 12.90
N SER A 99 3.53 -15.01 13.38
CA SER A 99 3.09 -16.40 13.44
C SER A 99 2.08 -16.74 12.33
N ASN A 100 1.91 -15.84 11.37
CA ASN A 100 0.99 -16.09 10.26
C ASN A 100 1.39 -15.14 9.13
N TYR A 101 0.61 -15.15 8.04
CA TYR A 101 0.92 -14.35 6.86
C TYR A 101 1.26 -12.92 7.25
N VAL A 102 2.29 -12.35 6.62
CA VAL A 102 2.56 -10.93 6.77
C VAL A 102 1.92 -10.23 5.58
N PHE A 103 1.10 -9.22 5.87
CA PHE A 103 0.21 -8.63 4.88
C PHE A 103 0.66 -7.27 4.40
N CYS A 104 1.37 -6.52 5.24
CA CYS A 104 1.65 -5.12 4.91
C CYS A 104 2.95 -4.70 5.57
N CYS A 105 3.62 -3.72 4.97
CA CYS A 105 4.91 -3.28 5.50
C CYS A 105 5.24 -1.87 5.01
N ASN A 106 6.11 -1.19 5.75
CA ASN A 106 6.56 0.14 5.37
C ASN A 106 7.81 0.49 6.15
N PHE A 107 8.68 1.31 5.53
CA PHE A 107 9.79 1.96 6.22
C PHE A 107 9.31 3.24 6.88
N ASN A 108 10.01 3.67 7.93
CA ASN A 108 9.82 5.03 8.42
C ASN A 108 10.66 5.98 7.56
N PRO A 109 10.42 7.30 7.67
CA PRO A 109 11.18 8.25 6.83
C PRO A 109 12.68 8.20 7.08
N GLN A 110 13.10 7.92 8.31
CA GLN A 110 14.51 7.71 8.63
C GLN A 110 15.06 6.46 7.95
N SER A 111 14.17 5.54 7.61
CA SER A 111 14.45 4.23 7.06
C SER A 111 15.39 3.41 7.93
N ASN A 112 15.29 3.57 9.26
CA ASN A 112 15.95 2.64 10.16
C ASN A 112 14.98 1.72 10.88
N LEU A 113 13.67 1.88 10.64
CA LEU A 113 12.67 0.97 11.17
C LEU A 113 11.76 0.49 10.05
N ILE A 114 11.24 -0.70 10.23
CA ILE A 114 10.16 -1.22 9.38
C ILE A 114 8.99 -1.55 10.29
N VAL A 115 7.78 -1.23 9.83
CA VAL A 115 6.57 -1.64 10.53
C VAL A 115 5.88 -2.68 9.65
N SER A 116 5.33 -3.72 10.28
CA SER A 116 4.64 -4.78 9.56
C SER A 116 3.32 -5.09 10.26
N GLY A 117 2.37 -5.60 9.48
CA GLY A 117 1.12 -6.08 10.03
C GLY A 117 0.81 -7.45 9.47
N SER A 118 0.10 -8.25 10.26
CA SER A 118 -0.01 -9.67 9.95
C SER A 118 -1.41 -10.20 10.24
N PHE A 119 -1.71 -11.35 9.61
CA PHE A 119 -2.89 -12.13 9.91
CA PHE A 119 -2.91 -12.09 9.93
C PHE A 119 -2.91 -12.55 11.38
N ASP A 120 -1.74 -12.59 12.04
CA ASP A 120 -1.66 -12.93 13.45
C ASP A 120 -2.18 -11.82 14.35
N GLU A 121 -2.69 -10.72 13.78
CA GLU A 121 -3.39 -9.62 14.46
C GLU A 121 -2.43 -8.70 15.18
N SER A 122 -1.13 -8.82 14.94
CA SER A 122 -0.13 -7.99 15.59
C SER A 122 0.48 -7.02 14.58
N VAL A 123 1.08 -5.97 15.13
CA VAL A 123 1.93 -5.02 14.43
C VAL A 123 3.32 -5.14 15.04
N ARG A 124 4.33 -5.31 14.20
CA ARG A 124 5.70 -5.41 14.68
C ARG A 124 6.54 -4.27 14.13
N ILE A 125 7.50 -3.83 14.95
CA ILE A 125 8.47 -2.80 14.59
C ILE A 125 9.85 -3.43 14.60
N TRP A 126 10.59 -3.28 13.49
CA TRP A 126 11.83 -3.99 13.28
C TRP A 126 12.98 -3.02 13.07
N ASP A 127 14.17 -3.40 13.55
CA ASP A 127 15.39 -2.66 13.26
C ASP A 127 15.94 -3.06 11.89
N VAL A 128 16.11 -2.09 11.01
CA VAL A 128 16.55 -2.39 9.64
C VAL A 128 17.97 -2.97 9.63
N LYS A 129 18.85 -2.41 10.47
CA LYS A 129 20.27 -2.79 10.42
C LYS A 129 20.47 -4.21 10.93
N THR A 130 19.88 -4.55 12.08
CA THR A 130 20.01 -5.88 12.66
C THR A 130 18.97 -6.86 12.16
N GLY A 131 17.85 -6.38 11.65
CA GLY A 131 16.82 -7.30 11.25
C GLY A 131 16.04 -7.91 12.39
N LYS A 132 16.23 -7.43 13.61
CA LYS A 132 15.57 -7.99 14.77
C LYS A 132 14.33 -7.17 15.13
N CYS A 133 13.39 -7.85 15.77
CA CYS A 133 12.14 -7.20 16.18
C CYS A 133 12.38 -6.39 17.44
N LEU A 134 11.99 -5.12 17.40
CA LEU A 134 12.11 -4.25 18.56
C LEU A 134 10.87 -4.26 19.44
N LYS A 135 9.68 -4.26 18.83
CA LYS A 135 8.44 -4.21 19.59
C LYS A 135 7.41 -5.04 18.87
N THR A 136 6.56 -5.70 19.66
CA THR A 136 5.37 -6.36 19.14
C THR A 136 4.16 -5.72 19.78
N LEU A 137 3.27 -5.16 18.95
CA LEU A 137 2.08 -4.49 19.45
C LEU A 137 0.88 -5.41 19.29
N PRO A 138 0.14 -5.71 20.36
CA PRO A 138 -1.11 -6.48 20.24
C PRO A 138 -2.21 -5.57 19.73
N ALA A 139 -2.12 -5.27 18.43
CA ALA A 139 -2.78 -4.08 17.91
C ALA A 139 -4.27 -4.27 17.67
N HIS A 140 -4.70 -5.48 17.29
CA HIS A 140 -6.04 -5.67 16.75
C HIS A 140 -6.52 -7.06 17.10
N SER A 141 -7.80 -7.32 16.80
CA SER A 141 -8.43 -8.60 17.13
C SER A 141 -8.83 -9.36 15.87
N ASP A 142 -8.23 -8.99 14.74
CA ASP A 142 -8.44 -9.62 13.45
C ASP A 142 -7.25 -9.24 12.59
N PRO A 143 -7.09 -9.84 11.41
CA PRO A 143 -5.92 -9.54 10.58
C PRO A 143 -5.71 -8.04 10.38
N VAL A 144 -4.44 -7.65 10.34
CA VAL A 144 -4.04 -6.25 10.16
C VAL A 144 -3.83 -6.01 8.67
N SER A 145 -4.58 -5.07 8.12
CA SER A 145 -4.60 -4.88 6.67
C SER A 145 -3.63 -3.82 6.16
N ALA A 146 -3.22 -2.87 6.98
CA ALA A 146 -2.30 -1.85 6.53
C ALA A 146 -1.57 -1.26 7.74
N VAL A 147 -0.35 -0.77 7.51
CA VAL A 147 0.44 -0.03 8.50
C VAL A 147 1.21 1.06 7.78
N HIS A 148 1.35 2.22 8.41
CA HIS A 148 1.99 3.37 7.75
C HIS A 148 2.55 4.31 8.81
N PHE A 149 3.78 4.79 8.60
CA PHE A 149 4.36 5.86 9.42
C PHE A 149 3.90 7.23 8.93
N ASN A 150 3.81 8.19 9.85
CA ASN A 150 3.56 9.56 9.45
C ASN A 150 4.88 10.22 9.03
N ARG A 151 4.82 11.52 8.74
CA ARG A 151 5.89 12.18 8.00
C ARG A 151 7.17 12.36 8.83
N ASP A 152 7.06 12.48 10.15
CA ASP A 152 8.26 12.59 10.97
C ASP A 152 8.61 11.27 11.66
N GLY A 153 7.86 10.21 11.38
CA GLY A 153 8.13 8.89 11.92
C GLY A 153 7.66 8.66 13.33
N SER A 154 7.05 9.66 13.97
CA SER A 154 6.69 9.52 15.38
C SER A 154 5.39 8.74 15.57
N LEU A 155 4.61 8.53 14.52
CA LEU A 155 3.34 7.86 14.65
C LEU A 155 3.23 6.73 13.64
N ILE A 156 2.47 5.70 14.01
CA ILE A 156 2.07 4.62 13.12
C ILE A 156 0.55 4.54 13.10
N VAL A 157 -0.05 4.41 11.91
CA VAL A 157 -1.47 4.11 11.81
C VAL A 157 -1.61 2.68 11.32
N SER A 158 -2.55 1.94 11.91
CA SER A 158 -2.84 0.56 11.53
C SER A 158 -4.35 0.40 11.31
N SER A 159 -4.71 -0.57 10.46
CA SER A 159 -6.10 -0.86 10.19
C SER A 159 -6.31 -2.38 10.22
N SER A 160 -7.56 -2.78 10.42
CA SER A 160 -7.79 -4.21 10.62
C SER A 160 -9.21 -4.58 10.21
N TYR A 161 -9.37 -5.85 9.87
CA TYR A 161 -10.68 -6.44 9.67
C TYR A 161 -11.56 -6.35 10.91
N ASP A 162 -10.98 -6.03 12.08
CA ASP A 162 -11.81 -5.85 13.27
C ASP A 162 -12.64 -4.58 13.21
N GLY A 163 -12.46 -3.76 12.16
CA GLY A 163 -13.24 -2.55 11.97
C GLY A 163 -12.61 -1.32 12.55
N LEU A 164 -11.41 -1.42 13.12
CA LEU A 164 -10.77 -0.32 13.80
C LEU A 164 -9.60 0.24 13.02
N CYS A 165 -9.39 1.53 13.20
CA CYS A 165 -8.14 2.20 12.84
CA CYS A 165 -8.15 2.19 12.84
C CYS A 165 -7.51 2.71 14.12
N ARG A 166 -6.24 2.38 14.34
CA ARG A 166 -5.58 2.84 15.56
C ARG A 166 -4.31 3.58 15.22
N ILE A 167 -4.00 4.58 16.03
CA ILE A 167 -2.77 5.36 15.87
C ILE A 167 -1.88 5.07 17.07
N TRP A 168 -0.63 4.71 16.79
CA TRP A 168 0.33 4.26 17.80
C TRP A 168 1.49 5.22 17.89
N ASP A 169 2.01 5.37 19.11
CA ASP A 169 3.25 6.09 19.32
C ASP A 169 4.43 5.18 19.01
N THR A 170 5.24 5.57 18.02
CA THR A 170 6.33 4.70 17.56
C THR A 170 7.28 4.35 18.70
N ALA A 171 7.69 5.37 19.46
CA ALA A 171 8.78 5.18 20.43
C ALA A 171 8.37 4.25 21.57
N SER A 172 7.12 4.33 22.01
CA SER A 172 6.67 3.53 23.14
C SER A 172 5.83 2.33 22.74
N GLY A 173 5.28 2.34 21.53
CA GLY A 173 4.34 1.31 21.12
C GLY A 173 2.94 1.45 21.69
N GLN A 174 2.67 2.49 22.46
CA GLN A 174 1.36 2.61 23.09
C GLN A 174 0.35 3.30 22.18
N CYS A 175 -0.92 2.96 22.39
CA CYS A 175 -2.00 3.47 21.56
C CYS A 175 -2.29 4.93 21.91
N LEU A 176 -2.35 5.78 20.89
CA LEU A 176 -2.77 7.17 21.07
C LEU A 176 -4.24 7.40 20.78
N LYS A 177 -4.83 6.69 19.81
CA LYS A 177 -6.20 7.00 19.39
C LYS A 177 -6.77 5.82 18.61
N THR A 178 -8.08 5.62 18.77
CA THR A 178 -8.84 4.63 18.01
C THR A 178 -9.92 5.36 17.24
N LEU A 179 -10.01 5.09 15.93
CA LEU A 179 -11.04 5.65 15.06
C LEU A 179 -12.08 4.57 14.72
N ILE A 180 -13.34 4.85 15.02
CA ILE A 180 -14.46 3.95 14.72
C ILE A 180 -15.52 4.72 13.95
N ASP A 181 -16.18 4.05 13.00
CA ASP A 181 -17.26 4.67 12.23
C ASP A 181 -18.35 3.65 11.93
N ASP A 182 -19.58 4.15 11.83
CA ASP A 182 -20.78 3.42 11.39
C ASP A 182 -20.86 2.08 12.13
N ASP A 183 -21.08 0.97 11.44
CA ASP A 183 -21.22 -0.37 12.02
C ASP A 183 -19.95 -1.19 11.84
N ASN A 184 -18.80 -0.57 12.15
CA ASN A 184 -17.43 -1.08 12.03
C ASN A 184 -17.25 -2.12 10.92
N PRO A 185 -17.43 -1.75 9.65
CA PRO A 185 -17.05 -2.67 8.55
C PRO A 185 -15.56 -2.88 8.57
N PRO A 186 -15.06 -4.00 8.03
CA PRO A 186 -13.60 -4.21 8.00
C PRO A 186 -12.91 -3.03 7.35
N VAL A 187 -11.82 -2.58 7.96
CA VAL A 187 -10.99 -1.53 7.38
C VAL A 187 -9.88 -2.22 6.59
N SER A 188 -9.86 -1.99 5.29
CA SER A 188 -8.99 -2.75 4.39
C SER A 188 -7.73 -2.01 4.02
N PHE A 189 -7.64 -0.72 4.30
CA PHE A 189 -6.46 0.08 3.96
C PHE A 189 -6.48 1.36 4.78
N VAL A 190 -5.30 1.83 5.16
CA VAL A 190 -5.18 3.13 5.81
C VAL A 190 -3.81 3.70 5.49
N LYS A 191 -3.75 5.04 5.39
CA LYS A 191 -2.45 5.73 5.32
C LYS A 191 -2.64 7.18 5.72
N PHE A 192 -1.54 7.79 6.17
CA PHE A 192 -1.51 9.22 6.47
C PHE A 192 -1.45 10.03 5.17
N SER A 193 -2.04 11.22 5.21
CA SER A 193 -1.87 12.18 4.13
C SER A 193 -0.43 12.69 4.10
N PRO A 194 0.00 13.27 2.97
CA PRO A 194 1.39 13.78 2.90
C PRO A 194 1.79 14.68 4.06
N ASN A 195 0.92 15.58 4.52
CA ASN A 195 1.27 16.45 5.63
C ASN A 195 0.98 15.83 6.99
N GLY A 196 0.59 14.56 7.02
CA GLY A 196 0.32 13.86 8.26
C GLY A 196 -0.87 14.36 9.04
N LYS A 197 -1.62 15.32 8.51
CA LYS A 197 -2.76 15.84 9.26
C LYS A 197 -3.99 14.97 9.08
N TYR A 198 -4.10 14.25 7.96
CA TYR A 198 -5.29 13.46 7.70
C TYR A 198 -4.92 11.99 7.55
N ILE A 199 -5.94 11.14 7.67
CA ILE A 199 -5.81 9.71 7.47
C ILE A 199 -6.85 9.30 6.44
N LEU A 200 -6.42 8.56 5.41
CA LEU A 200 -7.33 8.03 4.40
C LEU A 200 -7.55 6.55 4.69
N ALA A 201 -8.81 6.13 4.81
CA ALA A 201 -9.13 4.76 5.18
C ALA A 201 -10.17 4.19 4.23
N ALA A 202 -9.93 2.95 3.79
CA ALA A 202 -10.87 2.20 2.98
C ALA A 202 -11.59 1.17 3.84
N THR A 203 -12.90 1.04 3.65
CA THR A 203 -13.66 -0.01 4.30
C THR A 203 -14.36 -0.87 3.26
N LEU A 204 -14.66 -2.11 3.63
CA LEU A 204 -15.23 -3.06 2.69
C LEU A 204 -16.73 -2.89 2.53
N ASP A 205 -17.18 -1.65 2.54
CA ASP A 205 -18.53 -1.27 2.15
C ASP A 205 -18.48 -0.21 1.06
N ASN A 206 -17.52 -0.37 0.14
CA ASN A 206 -17.42 0.46 -1.06
C ASN A 206 -17.23 1.94 -0.71
N THR A 207 -16.45 2.20 0.34
CA THR A 207 -16.31 3.57 0.83
C THR A 207 -14.87 3.87 1.21
N LEU A 208 -14.37 5.02 0.77
CA LEU A 208 -13.15 5.61 1.28
C LEU A 208 -13.50 6.81 2.15
N LYS A 209 -12.73 7.02 3.21
CA LYS A 209 -13.03 8.09 4.15
C LYS A 209 -11.75 8.84 4.50
N LEU A 210 -11.85 10.17 4.54
CA LEU A 210 -10.74 11.03 4.95
C LEU A 210 -11.02 11.52 6.36
N TRP A 211 -10.11 11.24 7.28
CA TRP A 211 -10.25 11.60 8.68
C TRP A 211 -9.29 12.71 9.06
N ASP A 212 -9.75 13.64 9.91
CA ASP A 212 -8.85 14.56 10.59
C ASP A 212 -8.27 13.87 11.81
N TYR A 213 -6.95 13.67 11.82
CA TYR A 213 -6.36 12.90 12.92
C TYR A 213 -6.51 13.63 14.24
N SER A 214 -6.18 14.92 14.28
CA SER A 214 -6.19 15.67 15.53
C SER A 214 -7.58 15.69 16.16
N LYS A 215 -8.61 15.93 15.34
CA LYS A 215 -9.98 16.02 15.84
C LYS A 215 -10.69 14.67 15.87
N GLY A 216 -10.13 13.64 15.24
CA GLY A 216 -10.80 12.35 15.23
C GLY A 216 -12.15 12.37 14.53
N LYS A 217 -12.28 13.15 13.46
CA LYS A 217 -13.55 13.36 12.75
C LYS A 217 -13.41 13.02 11.27
N CYS A 218 -14.50 12.50 10.70
CA CYS A 218 -14.60 12.28 9.27
C CYS A 218 -14.86 13.60 8.54
N LEU A 219 -14.03 13.89 7.53
CA LEU A 219 -14.13 15.11 6.74
C LEU A 219 -14.67 14.91 5.34
N LYS A 220 -14.38 13.77 4.72
CA LYS A 220 -14.81 13.50 3.34
C LYS A 220 -15.09 12.01 3.19
N THR A 221 -16.01 11.67 2.30
CA THR A 221 -16.24 10.30 1.90
C THR A 221 -16.20 10.24 0.38
N TYR A 222 -15.68 9.13 -0.14
CA TYR A 222 -15.53 8.93 -1.58
C TYR A 222 -16.17 7.61 -1.93
N THR A 223 -17.17 7.65 -2.80
CA THR A 223 -17.95 6.47 -3.14
C THR A 223 -18.11 6.41 -4.65
N GLY A 224 -18.73 5.33 -5.12
CA GLY A 224 -18.92 5.07 -6.53
C GLY A 224 -18.18 3.86 -7.07
N HIS A 225 -17.14 3.40 -6.38
CA HIS A 225 -16.39 2.24 -6.80
C HIS A 225 -16.92 0.99 -6.11
N LYS A 226 -16.28 -0.14 -6.39
CA LYS A 226 -16.66 -1.43 -5.85
C LYS A 226 -15.51 -1.97 -5.01
N ASN A 227 -15.76 -2.15 -3.71
CA ASN A 227 -14.72 -2.66 -2.81
C ASN A 227 -15.43 -3.31 -1.64
N GLU A 228 -15.69 -4.61 -1.77
CA GLU A 228 -16.32 -5.42 -0.73
C GLU A 228 -15.52 -6.66 -0.38
N LYS A 229 -14.39 -6.91 -1.05
CA LYS A 229 -13.72 -8.20 -0.92
C LYS A 229 -12.24 -8.06 -0.62
N TYR A 230 -11.55 -7.17 -1.33
CA TYR A 230 -10.09 -7.17 -1.33
C TYR A 230 -9.53 -5.93 -0.64
N CYS A 231 -8.31 -6.07 -0.13
CA CYS A 231 -7.61 -4.95 0.47
C CYS A 231 -6.93 -4.17 -0.65
N ILE A 232 -7.62 -3.15 -1.14
CA ILE A 232 -7.19 -2.35 -2.29
C ILE A 232 -6.54 -1.07 -1.78
N PHE A 233 -5.34 -0.78 -2.27
CA PHE A 233 -4.62 0.43 -1.89
C PHE A 233 -5.35 1.66 -2.38
N ALA A 234 -5.11 2.78 -1.70
CA ALA A 234 -5.58 4.08 -2.16
C ALA A 234 -4.46 5.10 -1.99
N ASN A 235 -4.52 6.18 -2.77
CA ASN A 235 -3.42 7.14 -2.82
C ASN A 235 -3.95 8.56 -2.82
N PHE A 236 -3.12 9.45 -2.29
CA PHE A 236 -3.18 10.88 -2.58
C PHE A 236 -2.32 11.16 -3.81
N SER A 237 -2.91 11.81 -4.82
CA SER A 237 -2.17 12.29 -5.98
C SER A 237 -1.90 13.78 -5.79
N VAL A 238 -0.63 14.18 -5.78
CA VAL A 238 -0.25 15.53 -5.39
C VAL A 238 0.58 16.24 -6.45
N THR A 239 0.93 15.59 -7.55
CA THR A 239 1.85 16.20 -8.51
C THR A 239 1.16 17.25 -9.37
N GLY A 240 -0.12 17.06 -9.67
CA GLY A 240 -0.91 18.04 -10.41
C GLY A 240 -2.14 18.40 -9.61
N GLY A 241 -3.32 18.11 -10.13
CA GLY A 241 -4.53 18.28 -9.34
C GLY A 241 -4.52 17.37 -8.11
N LYS A 242 -5.20 17.81 -7.06
CA LYS A 242 -5.20 17.05 -5.81
C LYS A 242 -6.32 16.01 -5.89
N TRP A 243 -5.94 14.76 -6.15
CA TRP A 243 -6.93 13.71 -6.30
C TRP A 243 -6.76 12.64 -5.22
N ILE A 244 -7.80 11.82 -5.11
CA ILE A 244 -7.75 10.52 -4.44
C ILE A 244 -7.81 9.47 -5.54
N VAL A 245 -6.93 8.46 -5.47
CA VAL A 245 -6.87 7.40 -6.49
C VAL A 245 -7.06 6.06 -5.80
N SER A 246 -7.84 5.17 -6.43
CA SER A 246 -8.02 3.84 -5.88
C SER A 246 -8.38 2.87 -7.01
N GLY A 247 -7.98 1.61 -6.84
CA GLY A 247 -8.50 0.54 -7.67
C GLY A 247 -9.90 0.18 -7.25
N SER A 248 -10.46 -0.82 -7.93
CA SER A 248 -11.86 -1.17 -7.74
C SER A 248 -12.11 -2.58 -8.24
N GLU A 249 -13.11 -3.24 -7.66
CA GLU A 249 -13.43 -4.61 -8.03
C GLU A 249 -14.24 -4.71 -9.32
N ASP A 250 -14.54 -3.59 -9.97
CA ASP A 250 -15.12 -3.60 -11.31
C ASP A 250 -14.07 -3.37 -12.39
N ASN A 251 -12.79 -3.55 -12.06
CA ASN A 251 -11.66 -3.57 -13.00
C ASN A 251 -11.24 -2.18 -13.44
N LEU A 252 -11.69 -1.13 -12.78
CA LEU A 252 -11.37 0.24 -13.15
C LEU A 252 -10.48 0.88 -12.09
N VAL A 253 -9.72 1.88 -12.51
CA VAL A 253 -9.06 2.81 -11.59
C VAL A 253 -9.96 4.02 -11.42
N TYR A 254 -10.29 4.35 -10.16
CA TYR A 254 -11.12 5.51 -9.84
C TYR A 254 -10.27 6.68 -9.37
N ILE A 255 -10.60 7.87 -9.88
CA ILE A 255 -9.95 9.11 -9.47
C ILE A 255 -11.03 10.09 -9.04
N TRP A 256 -10.90 10.61 -7.81
CA TRP A 256 -11.82 11.60 -7.25
C TRP A 256 -11.14 12.94 -7.03
N ASN A 257 -11.93 14.01 -7.13
CA ASN A 257 -11.49 15.32 -6.64
C ASN A 257 -11.50 15.29 -5.11
N LEU A 258 -10.36 15.59 -4.48
CA LEU A 258 -10.25 15.41 -3.04
C LEU A 258 -11.22 16.31 -2.28
N GLN A 259 -11.36 17.56 -2.72
CA GLN A 259 -12.22 18.52 -2.03
C GLN A 259 -13.69 18.29 -2.30
N THR A 260 -14.07 18.10 -3.56
CA THR A 260 -15.48 18.00 -3.92
C THR A 260 -16.03 16.58 -3.85
N LYS A 261 -15.16 15.56 -3.77
CA LYS A 261 -15.52 14.16 -3.68
C LYS A 261 -16.15 13.61 -4.96
N GLU A 262 -16.15 14.38 -6.05
CA GLU A 262 -16.72 13.89 -7.30
C GLU A 262 -15.70 13.02 -8.04
N ILE A 263 -16.20 11.98 -8.70
CA ILE A 263 -15.36 11.19 -9.60
C ILE A 263 -14.98 12.05 -10.79
N VAL A 264 -13.68 12.13 -11.08
CA VAL A 264 -13.22 12.91 -12.23
C VAL A 264 -12.70 12.04 -13.36
N GLN A 265 -12.38 10.77 -13.12
CA GLN A 265 -11.94 9.90 -14.19
C GLN A 265 -12.03 8.45 -13.71
N LYS A 266 -12.30 7.56 -14.67
CA LYS A 266 -12.31 6.11 -14.45
C LYS A 266 -11.49 5.49 -15.56
N LEU A 267 -10.36 4.86 -15.20
CA LEU A 267 -9.42 4.34 -16.18
C LEU A 267 -9.79 2.90 -16.54
N GLN A 268 -10.08 2.67 -17.82
CA GLN A 268 -10.51 1.37 -18.30
C GLN A 268 -9.38 0.66 -19.05
N GLY A 269 -9.22 -0.63 -18.79
CA GLY A 269 -8.19 -1.40 -19.46
C GLY A 269 -7.90 -2.74 -18.84
N HIS A 270 -7.85 -2.79 -17.50
CA HIS A 270 -7.60 -4.04 -16.81
C HIS A 270 -8.77 -5.01 -17.00
N THR A 271 -8.46 -6.30 -16.92
CA THR A 271 -9.46 -7.35 -17.10
C THR A 271 -9.71 -8.14 -15.80
N ASP A 272 -9.28 -7.59 -14.67
CA ASP A 272 -9.58 -8.19 -13.37
C ASP A 272 -9.49 -7.07 -12.34
N VAL A 273 -9.85 -7.41 -11.10
CA VAL A 273 -9.84 -6.44 -9.99
C VAL A 273 -8.53 -5.69 -9.96
N VAL A 274 -8.61 -4.36 -9.84
CA VAL A 274 -7.40 -3.54 -9.70
C VAL A 274 -7.10 -3.47 -8.20
N ILE A 275 -6.11 -4.25 -7.77
CA ILE A 275 -5.81 -4.38 -6.34
C ILE A 275 -4.87 -3.29 -5.83
N SER A 276 -4.08 -2.67 -6.70
CA SER A 276 -3.07 -1.74 -6.23
C SER A 276 -2.92 -0.62 -7.25
N THR A 277 -2.76 0.59 -6.74
CA THR A 277 -2.41 1.76 -7.54
C THR A 277 -1.30 2.50 -6.81
N ALA A 278 -0.47 3.20 -7.58
CA ALA A 278 0.59 4.03 -7.03
C ALA A 278 0.68 5.30 -7.86
N CYS A 279 1.08 6.39 -7.20
CA CYS A 279 1.21 7.69 -7.85
C CYS A 279 2.68 8.10 -7.84
N HIS A 280 3.18 8.52 -9.00
CA HIS A 280 4.58 8.85 -9.14
C HIS A 280 4.94 10.10 -8.30
N PRO A 281 6.14 10.16 -7.72
CA PRO A 281 6.43 11.26 -6.78
C PRO A 281 6.63 12.62 -7.45
N THR A 282 6.92 12.70 -8.76
CA THR A 282 7.13 14.01 -9.39
C THR A 282 6.35 14.21 -10.68
N GLU A 283 5.97 13.15 -11.38
CA GLU A 283 5.23 13.24 -12.62
C GLU A 283 3.80 12.77 -12.42
N ASN A 284 2.92 13.25 -13.30
CA ASN A 284 1.51 12.85 -13.31
C ASN A 284 1.39 11.47 -13.96
N ILE A 285 1.81 10.46 -13.21
CA ILE A 285 1.87 9.08 -13.69
C ILE A 285 1.24 8.21 -12.61
N ILE A 286 0.34 7.32 -13.02
CA ILE A 286 -0.25 6.31 -12.13
C ILE A 286 0.17 4.93 -12.62
N ALA A 287 0.55 4.05 -11.70
CA ALA A 287 0.69 2.63 -11.98
C ALA A 287 -0.49 1.89 -11.37
N SER A 288 -1.02 0.90 -12.09
CA SER A 288 -2.10 0.07 -11.55
C SER A 288 -1.79 -1.40 -11.80
N ALA A 289 -2.31 -2.27 -10.94
CA ALA A 289 -2.03 -3.69 -11.07
C ALA A 289 -3.28 -4.49 -10.74
N ALA A 290 -3.39 -5.67 -11.34
CA ALA A 290 -4.64 -6.42 -11.31
C ALA A 290 -4.42 -7.89 -10.95
N LEU A 291 -5.52 -8.55 -10.61
CA LEU A 291 -5.48 -9.93 -10.14
C LEU A 291 -5.37 -10.94 -11.27
N GLU A 292 -5.72 -12.20 -10.96
CA GLU A 292 -5.22 -13.38 -11.68
C GLU A 292 -5.58 -13.40 -13.16
N ASN A 293 -6.76 -12.90 -13.52
CA ASN A 293 -7.14 -13.00 -14.93
C ASN A 293 -6.29 -12.09 -15.80
N ASP A 294 -5.66 -11.09 -15.21
CA ASP A 294 -4.98 -10.02 -15.91
C ASP A 294 -3.47 -10.11 -15.71
N LYS A 295 -3.02 -10.05 -14.46
CA LYS A 295 -1.64 -10.25 -14.06
C LYS A 295 -0.69 -9.18 -14.59
N THR A 296 -1.20 -8.08 -15.12
CA THR A 296 -0.31 -7.06 -15.66
C THR A 296 -0.36 -5.76 -14.84
N ILE A 297 0.66 -4.94 -15.07
CA ILE A 297 0.76 -3.61 -14.50
C ILE A 297 0.60 -2.64 -15.67
N LYS A 298 -0.14 -1.56 -15.45
CA LYS A 298 -0.35 -0.55 -16.47
C LYS A 298 0.15 0.79 -15.95
N LEU A 299 0.78 1.55 -16.84
CA LEU A 299 1.27 2.89 -16.54
C LEU A 299 0.43 3.89 -17.32
N TRP A 300 -0.07 4.91 -16.63
CA TRP A 300 -0.97 5.90 -17.22
C TRP A 300 -0.39 7.28 -16.97
N LYS A 301 -0.55 8.18 -17.95
CA LYS A 301 0.01 9.52 -17.81
C LYS A 301 -1.01 10.58 -18.18
N SER A 302 -0.98 11.68 -17.44
CA SER A 302 -1.92 12.79 -17.56
C SER A 302 -1.15 14.08 -17.80
N ASP A 303 -1.83 15.04 -18.44
CA ASP A 303 -1.27 16.38 -18.64
C ASP A 303 -1.35 17.25 -17.40
N CYS A 304 -2.11 16.87 -16.39
CA CYS A 304 -2.34 17.73 -15.23
C CYS A 304 -2.76 16.90 -14.03
N ALA B 1 -2.72 -14.64 0.71
CA ALA B 1 -2.19 -13.29 0.58
C ALA B 1 -3.28 -12.32 0.10
N ARG B 2 -2.85 -11.09 -0.21
CA ARG B 2 -3.78 -10.03 -0.60
C ARG B 2 -4.59 -10.39 -1.84
N THR B 3 -4.07 -11.27 -2.69
CA THR B 3 -4.70 -11.60 -3.96
C THR B 3 -5.80 -12.65 -3.84
N LYS B 4 -6.09 -13.10 -2.64
CA LYS B 4 -7.08 -14.14 -2.40
C LYS B 4 -8.17 -13.62 -1.49
N GLN B 5 -9.39 -14.09 -1.70
CA GLN B 5 -10.52 -13.65 -0.89
C GLN B 5 -10.49 -14.29 0.49
#